data_7WAJ
#
_entry.id   7WAJ
#
_cell.length_a   158.190
_cell.length_b   46.340
_cell.length_c   95.320
_cell.angle_alpha   90.000
_cell.angle_beta   110.720
_cell.angle_gamma   90.000
#
_symmetry.space_group_name_H-M   'C 1 2 1'
#
loop_
_entity.id
_entity.type
_entity.pdbx_description
1 polymer 'Glutamyl-tRNA synthetase'
2 non-polymer BETA-MERCAPTOETHANOL
3 non-polymer "ADENOSINE-5'-TRIPHOSPHATE"
4 non-polymer 'COBALT (II) ION'
5 non-polymer 'CHLORIDE ION'
6 water water
#
_entity_poly.entity_id   1
_entity_poly.type   'polypeptide(L)'
_entity_poly.pdbx_seq_one_letter_code
;GAMANAVIGNVVTRFPPEPSGYLHVGHAKAAFLNNYYAQMYEGKMLLRFDDTNPVLEDIKYEKSIIEDLENLGLKYEKIS
YSSDHFDLLEKYCIDMIKMNKAYADDTGVEDMRNQRGEGIESINRNNSIEKNLELFNEMRKGTEIGQKNCIRAKINMQSK
NKCMRDPVMYRCIVDVPHHKHQFKYKCYPTYDFACPIIDSIEGVTHALRTNEYSDRIEQYNWFISTLNLRKVYIYEFSRL
AFVKTVMSKRKLKWFVENNVVDSWVDPRFPTIKGILRRGLTKEALFQFILEQGPSKAGNLMQWDKLWSINKQIIDPIIPR
YAAVDKNSSILLILTDLTDQVIQKERDLHMKNKSLGTCNMYYNNKYLIELEDAQTLLENEEITLIKLGNIIIKNIEKENG
KIKQINALSNFHGDFKTTKKKIHWLPYLPQQLITCTLYEYDHLITVDKFENDNKDDWTNFINFNSKHETLVYAEPSISSL
KVSDKFQFERRGYFILDKIDPHHHLHLIKIPDGKSKNMSIITT
;
_entity_poly.pdbx_strand_id   A
#
# COMPACT_ATOMS: atom_id res chain seq x y z
N ALA A 2 -11.94 -20.01 5.19
CA ALA A 2 -12.67 -20.87 6.12
C ALA A 2 -12.49 -20.44 7.59
N MET A 3 -13.58 -19.99 8.22
CA MET A 3 -13.59 -19.55 9.61
C MET A 3 -14.28 -20.61 10.45
N ALA A 4 -13.48 -21.37 11.20
CA ALA A 4 -14.00 -22.54 11.90
C ALA A 4 -15.07 -22.12 12.91
N ASN A 5 -16.22 -22.81 12.85
CA ASN A 5 -17.30 -22.64 13.82
C ASN A 5 -17.72 -21.18 13.98
N ALA A 6 -17.67 -20.41 12.90
CA ALA A 6 -17.99 -19.00 12.99
C ALA A 6 -19.49 -18.82 13.17
N VAL A 7 -19.86 -17.97 14.12
CA VAL A 7 -21.25 -17.76 14.45
C VAL A 7 -21.56 -16.29 14.22
N ILE A 8 -22.67 -16.01 13.54
CA ILE A 8 -23.03 -14.64 13.22
C ILE A 8 -23.17 -13.87 14.51
N GLY A 9 -22.56 -12.70 14.56
CA GLY A 9 -22.62 -11.86 15.74
C GLY A 9 -21.65 -12.21 16.85
N ASN A 10 -20.82 -13.25 16.69
CA ASN A 10 -19.84 -13.60 17.72
C ASN A 10 -18.45 -13.84 17.15
N VAL A 11 -18.12 -13.22 16.02
CA VAL A 11 -16.78 -13.30 15.49
C VAL A 11 -16.02 -12.04 15.92
N VAL A 12 -14.78 -12.22 16.36
CA VAL A 12 -13.88 -11.14 16.70
C VAL A 12 -12.54 -11.46 16.07
N THR A 13 -12.08 -10.58 15.20
CA THR A 13 -10.76 -10.66 14.62
C THR A 13 -9.91 -9.52 15.19
N ARG A 14 -8.64 -9.52 14.83
CA ARG A 14 -7.81 -8.40 15.25
C ARG A 14 -6.74 -8.20 14.21
N PHE A 15 -6.45 -6.93 13.94
CA PHE A 15 -5.32 -6.53 13.11
C PHE A 15 -4.17 -6.13 14.02
N PRO A 16 -3.01 -6.77 13.97
CA PRO A 16 -1.98 -6.54 14.99
C PRO A 16 -0.69 -5.96 14.40
N PRO A 17 -0.70 -4.73 13.89
CA PRO A 17 0.54 -4.19 13.32
C PRO A 17 1.52 -3.76 14.39
N GLU A 18 2.81 -3.95 14.11
CA GLU A 18 3.84 -3.40 14.97
C GLU A 18 3.89 -1.89 14.73
N PRO A 19 3.89 -1.08 15.78
CA PRO A 19 3.96 0.38 15.63
C PRO A 19 5.40 0.88 15.45
N SER A 20 6.16 0.20 14.58
CA SER A 20 7.56 0.48 14.33
C SER A 20 7.83 0.87 12.88
N GLY A 21 6.79 1.17 12.12
CA GLY A 21 6.96 1.55 10.74
C GLY A 21 5.64 1.98 10.13
N TYR A 22 5.68 2.29 8.85
CA TYR A 22 4.51 2.69 8.08
C TYR A 22 3.85 1.47 7.45
N LEU A 23 2.53 1.46 7.43
CA LEU A 23 1.82 0.37 6.78
C LEU A 23 2.13 0.36 5.29
N HIS A 24 2.29 -0.83 4.72
CA HIS A 24 2.45 -1.04 3.28
C HIS A 24 1.34 -1.96 2.78
N VAL A 25 1.38 -2.26 1.48
CA VAL A 25 0.27 -2.95 0.82
C VAL A 25 0.06 -4.38 1.37
N GLY A 26 1.12 -5.03 1.84
CA GLY A 26 0.93 -6.35 2.46
C GLY A 26 0.10 -6.27 3.74
N HIS A 27 0.47 -5.33 4.62
CA HIS A 27 -0.37 -4.98 5.76
C HIS A 27 -1.82 -4.78 5.32
N ALA A 28 -2.03 -4.25 4.11
CA ALA A 28 -3.40 -3.93 3.74
C ALA A 28 -4.17 -5.22 3.48
N LYS A 29 -3.54 -6.19 2.82
CA LYS A 29 -4.23 -7.46 2.69
C LYS A 29 -4.63 -8.02 4.06
N ALA A 30 -3.70 -7.97 5.04
CA ALA A 30 -4.03 -8.48 6.37
C ALA A 30 -5.18 -7.71 7.03
N ALA A 31 -5.09 -6.37 7.02
CA ALA A 31 -6.13 -5.58 7.66
C ALA A 31 -7.48 -5.78 6.97
N PHE A 32 -7.46 -5.93 5.65
CA PHE A 32 -8.70 -6.09 4.92
C PHE A 32 -9.31 -7.45 5.16
N LEU A 33 -8.51 -8.52 5.15
CA LEU A 33 -9.09 -9.84 5.42
C LEU A 33 -9.65 -9.92 6.84
N ASN A 34 -8.98 -9.31 7.82
CA ASN A 34 -9.54 -9.24 9.16
C ASN A 34 -10.91 -8.56 9.16
N ASN A 35 -10.99 -7.38 8.52
CA ASN A 35 -12.27 -6.67 8.42
C ASN A 35 -13.31 -7.48 7.65
N TYR A 36 -12.90 -8.17 6.59
CA TYR A 36 -13.82 -8.88 5.71
C TYR A 36 -14.45 -10.07 6.42
N TYR A 37 -13.66 -10.80 7.20
CA TYR A 37 -14.28 -11.90 7.91
C TYR A 37 -15.14 -11.41 9.07
N ALA A 38 -14.67 -10.37 9.79
CA ALA A 38 -15.55 -9.74 10.79
C ALA A 38 -16.91 -9.36 10.20
N GLN A 39 -16.91 -8.61 9.11
CA GLN A 39 -18.16 -8.14 8.49
C GLN A 39 -19.01 -9.32 8.00
N MET A 40 -18.38 -10.31 7.35
CA MET A 40 -19.10 -11.51 6.95
C MET A 40 -19.93 -12.06 8.09
N TYR A 41 -19.36 -12.13 9.30
CA TYR A 41 -20.12 -12.71 10.39
C TYR A 41 -20.70 -11.67 11.34
N GLU A 42 -20.88 -10.43 10.89
CA GLU A 42 -21.45 -9.37 11.71
C GLU A 42 -20.78 -9.31 13.08
N GLY A 43 -19.45 -9.27 13.08
CA GLY A 43 -18.68 -9.27 14.31
C GLY A 43 -17.86 -8.01 14.52
N LYS A 44 -16.70 -8.15 15.18
CA LYS A 44 -15.86 -7.02 15.57
C LYS A 44 -14.44 -7.27 15.11
N MET A 45 -13.74 -6.19 14.75
CA MET A 45 -12.32 -6.28 14.47
C MET A 45 -11.60 -5.36 15.44
N LEU A 46 -10.65 -5.93 16.19
CA LEU A 46 -9.82 -5.14 17.11
C LEU A 46 -8.57 -4.62 16.41
N LEU A 47 -8.09 -3.49 16.88
CA LEU A 47 -6.80 -2.98 16.45
C LEU A 47 -5.84 -3.09 17.63
N ARG A 48 -4.81 -3.90 17.46
CA ARG A 48 -3.82 -4.10 18.50
C ARG A 48 -2.45 -3.69 17.99
N PHE A 49 -1.85 -2.70 18.64
CA PHE A 49 -0.48 -2.33 18.34
C PHE A 49 0.43 -3.34 19.02
N ASP A 50 1.09 -4.17 18.22
CA ASP A 50 1.92 -5.27 18.73
C ASP A 50 3.29 -4.73 19.13
N ASP A 51 3.40 -4.24 20.36
CA ASP A 51 4.68 -3.78 20.93
C ASP A 51 5.27 -4.81 21.90
N THR A 52 5.32 -6.08 21.50
CA THR A 52 5.73 -7.14 22.41
C THR A 52 7.20 -7.02 22.79
N ASN A 53 8.05 -6.57 21.87
CA ASN A 53 9.43 -6.44 22.26
C ASN A 53 9.90 -5.01 22.03
N PRO A 54 10.74 -4.48 22.92
CA PRO A 54 11.07 -3.04 22.86
C PRO A 54 11.87 -2.69 21.62
N VAL A 55 11.41 -1.67 20.91
CA VAL A 55 12.24 -1.04 19.87
C VAL A 55 12.09 0.48 19.97
N LYS A 60 6.65 7.48 16.89
CA LYS A 60 5.25 7.17 17.13
C LYS A 60 4.42 7.07 15.83
N TYR A 61 4.42 5.86 15.26
CA TYR A 61 3.69 5.52 14.05
C TYR A 61 2.22 5.20 14.28
N GLU A 62 1.73 5.23 15.51
CA GLU A 62 0.33 4.91 15.75
C GLU A 62 -0.57 5.79 14.90
N LYS A 63 -0.22 7.09 14.79
CA LYS A 63 -1.06 8.04 14.06
C LYS A 63 -1.07 7.71 12.58
N SER A 64 0.09 7.37 12.03
CA SER A 64 0.17 7.01 10.62
C SER A 64 -0.70 5.78 10.34
N ILE A 65 -0.60 4.78 11.20
CA ILE A 65 -1.33 3.53 11.04
C ILE A 65 -2.83 3.78 11.10
N ILE A 66 -3.27 4.52 12.11
CA ILE A 66 -4.69 4.86 12.23
C ILE A 66 -5.17 5.66 11.02
N GLU A 67 -4.33 6.56 10.52
CA GLU A 67 -4.76 7.35 9.36
C GLU A 67 -4.90 6.49 8.13
N ASP A 68 -3.97 5.53 7.94
CA ASP A 68 -4.10 4.61 6.79
C ASP A 68 -5.28 3.66 6.93
N LEU A 69 -5.55 3.17 8.14
CA LEU A 69 -6.74 2.35 8.33
C LEU A 69 -7.99 3.16 8.00
N GLU A 70 -8.03 4.42 8.41
CA GLU A 70 -9.13 5.30 8.03
C GLU A 70 -9.25 5.42 6.51
N ASN A 71 -8.14 5.73 5.83
CA ASN A 71 -8.15 5.95 4.38
C ASN A 71 -8.64 4.73 3.61
N LEU A 72 -8.51 3.55 4.18
CA LEU A 72 -9.00 2.33 3.54
C LEU A 72 -10.42 1.98 3.95
N GLY A 73 -11.02 2.79 4.83
CA GLY A 73 -12.37 2.53 5.27
C GLY A 73 -12.48 1.33 6.19
N LEU A 74 -11.43 1.03 6.93
CA LEU A 74 -11.42 -0.10 7.86
C LEU A 74 -11.59 0.45 9.25
N LYS A 75 -12.74 0.16 9.86
CA LYS A 75 -13.02 0.53 11.23
C LYS A 75 -12.76 -0.64 12.17
N TYR A 76 -12.56 -0.30 13.45
CA TYR A 76 -12.23 -1.29 14.46
C TYR A 76 -12.98 -0.87 15.70
N GLU A 77 -13.24 -1.82 16.58
CA GLU A 77 -14.05 -1.54 17.75
C GLU A 77 -13.26 -0.96 18.91
N LYS A 78 -11.97 -1.28 19.02
CA LYS A 78 -11.18 -0.91 20.18
C LYS A 78 -9.71 -1.03 19.82
N ILE A 79 -8.90 -0.15 20.39
CA ILE A 79 -7.46 -0.15 20.21
C ILE A 79 -6.82 -0.65 21.51
N SER A 80 -5.87 -1.57 21.38
CA SER A 80 -5.10 -2.00 22.54
C SER A 80 -3.63 -2.10 22.14
N TYR A 81 -2.78 -2.38 23.13
CA TYR A 81 -1.37 -2.69 22.95
C TYR A 81 -1.04 -4.03 23.60
N SER A 82 -0.15 -4.78 22.96
CA SER A 82 0.35 -6.02 23.59
C SER A 82 0.82 -5.76 25.02
N SER A 83 1.54 -4.66 25.23
CA SER A 83 2.13 -4.35 26.53
C SER A 83 1.10 -4.13 27.61
N ASP A 84 -0.14 -3.79 27.23
CA ASP A 84 -1.24 -3.73 28.21
C ASP A 84 -1.34 -4.99 29.06
N HIS A 85 -0.87 -6.13 28.56
CA HIS A 85 -1.05 -7.40 29.27
C HIS A 85 0.25 -7.98 29.84
N PHE A 86 1.32 -7.19 29.94
CA PHE A 86 2.58 -7.78 30.40
C PHE A 86 2.44 -8.39 31.80
N ASP A 87 1.81 -7.66 32.72
CA ASP A 87 1.51 -8.18 34.06
C ASP A 87 0.89 -9.56 33.98
N LEU A 88 -0.17 -9.68 33.19
CA LEU A 88 -0.89 -10.94 33.18
C LEU A 88 -0.03 -12.01 32.54
N LEU A 89 0.77 -11.65 31.53
CA LEU A 89 1.65 -12.64 30.94
C LEU A 89 2.66 -13.14 31.98
N GLU A 90 3.17 -12.24 32.82
CA GLU A 90 4.09 -12.69 33.86
C GLU A 90 3.40 -13.69 34.77
N LYS A 91 2.17 -13.38 35.17
CA LYS A 91 1.42 -14.30 36.03
C LYS A 91 1.31 -15.66 35.35
N TYR A 92 1.01 -15.65 34.05
CA TYR A 92 0.85 -16.92 33.38
C TYR A 92 2.17 -17.66 33.28
N CYS A 93 3.27 -16.91 33.05
CA CYS A 93 4.57 -17.58 33.02
C CYS A 93 4.81 -18.30 34.34
N ILE A 94 4.51 -17.64 35.45
CA ILE A 94 4.72 -18.26 36.75
C ILE A 94 3.80 -19.45 36.91
N ASP A 95 2.53 -19.33 36.47
CA ASP A 95 1.65 -20.48 36.58
C ASP A 95 2.26 -21.63 35.83
N MET A 96 2.85 -21.35 34.66
CA MET A 96 3.38 -22.48 33.91
C MET A 96 4.58 -23.09 34.60
N ILE A 97 5.35 -22.29 35.32
CA ILE A 97 6.45 -22.88 36.05
C ILE A 97 5.91 -23.78 37.16
N LYS A 98 4.82 -23.35 37.82
CA LYS A 98 4.29 -24.14 38.93
C LYS A 98 3.64 -25.43 38.45
N MET A 99 3.17 -25.48 37.21
CA MET A 99 2.69 -26.71 36.59
C MET A 99 3.80 -27.53 35.96
N ASN A 100 5.08 -27.18 36.19
CA ASN A 100 6.20 -27.86 35.55
C ASN A 100 6.02 -27.93 34.03
N LYS A 101 5.53 -26.84 33.43
CA LYS A 101 5.42 -26.73 31.98
C LYS A 101 6.39 -25.71 31.40
N ALA A 102 7.23 -25.13 32.25
CA ALA A 102 8.16 -24.10 31.81
C ALA A 102 9.35 -24.14 32.75
N TYR A 103 10.52 -23.77 32.24
CA TYR A 103 11.72 -23.86 33.05
C TYR A 103 12.69 -22.76 32.64
N ALA A 104 13.60 -22.43 33.55
CA ALA A 104 14.63 -21.43 33.29
C ALA A 104 15.85 -22.11 32.73
N ASP A 105 16.29 -21.64 31.57
CA ASP A 105 17.40 -22.22 30.84
C ASP A 105 18.47 -21.14 30.67
N ASP A 106 19.68 -21.42 31.13
CA ASP A 106 20.80 -20.51 30.91
C ASP A 106 21.74 -20.99 29.82
N THR A 107 21.28 -21.89 28.96
CA THR A 107 22.15 -22.37 27.89
C THR A 107 22.30 -21.29 26.83
N GLY A 108 23.50 -21.18 26.25
CA GLY A 108 23.77 -20.17 25.24
C GLY A 108 23.05 -20.44 23.93
N VAL A 109 23.00 -19.41 23.09
CA VAL A 109 22.10 -19.44 21.94
C VAL A 109 22.52 -20.50 20.94
N GLU A 110 23.82 -20.54 20.61
CA GLU A 110 24.30 -21.49 19.60
C GLU A 110 24.08 -22.92 20.08
N ASP A 111 24.50 -23.22 21.32
CA ASP A 111 24.32 -24.58 21.83
C ASP A 111 22.84 -24.92 22.02
N MET A 112 22.00 -23.92 22.34
CA MET A 112 20.57 -24.19 22.41
C MET A 112 20.02 -24.57 21.04
N ARG A 113 20.47 -23.88 19.99
CA ARG A 113 19.97 -24.19 18.64
C ARG A 113 20.45 -25.56 18.18
N ASN A 114 21.69 -25.92 18.48
CA ASN A 114 22.15 -27.23 18.02
C ASN A 114 21.60 -28.35 18.89
N GLN A 115 21.37 -28.09 20.17
CA GLN A 115 20.66 -29.04 21.01
C GLN A 115 19.24 -29.25 20.50
N ARG A 116 18.59 -28.18 20.07
CA ARG A 116 17.23 -28.29 19.57
C ARG A 116 17.20 -29.09 18.28
N GLY A 117 18.11 -28.78 17.36
CA GLY A 117 18.16 -29.51 16.10
C GLY A 117 18.38 -31.00 16.29
N GLU A 118 19.07 -31.38 17.36
CA GLU A 118 19.41 -32.77 17.64
C GLU A 118 18.58 -33.36 18.77
N GLY A 119 17.44 -32.75 19.09
CA GLY A 119 16.54 -33.32 20.07
C GLY A 119 17.10 -33.50 21.46
N ILE A 120 18.18 -32.81 21.79
CA ILE A 120 18.84 -32.99 23.08
C ILE A 120 18.19 -32.09 24.10
N GLU A 121 17.64 -32.68 25.15
CA GLU A 121 17.08 -31.91 26.24
C GLU A 121 18.18 -31.19 26.99
N SER A 122 17.96 -29.92 27.28
CA SER A 122 18.88 -29.15 28.08
C SER A 122 18.89 -29.67 29.52
N ILE A 123 20.04 -29.55 30.18
CA ILE A 123 20.14 -30.07 31.53
C ILE A 123 19.18 -29.33 32.47
N ASN A 124 18.82 -28.09 32.12
CA ASN A 124 17.92 -27.31 32.95
C ASN A 124 16.48 -27.73 32.81
N ARG A 125 16.14 -28.53 31.79
CA ARG A 125 14.76 -28.95 31.58
C ARG A 125 14.17 -29.56 32.84
N ASN A 126 15.02 -30.22 33.65
CA ASN A 126 14.64 -30.91 34.88
C ASN A 126 14.75 -30.06 36.12
N ASN A 127 14.94 -28.75 35.97
CA ASN A 127 15.04 -27.87 37.13
C ASN A 127 13.81 -28.03 38.01
N SER A 128 14.01 -27.88 39.31
CA SER A 128 12.87 -27.85 40.21
C SER A 128 12.04 -26.58 39.97
N ILE A 129 10.77 -26.67 40.35
CA ILE A 129 9.89 -25.53 40.33
C ILE A 129 10.52 -24.35 41.06
N GLU A 130 10.99 -24.58 42.29
CA GLU A 130 11.47 -23.48 43.11
CA GLU A 130 11.45 -23.45 43.09
C GLU A 130 12.74 -22.84 42.53
N LYS A 131 13.55 -23.64 41.84
CA LYS A 131 14.72 -23.10 41.17
C LYS A 131 14.31 -22.29 39.95
N ASN A 132 13.40 -22.85 39.15
CA ASN A 132 12.84 -22.13 38.02
C ASN A 132 12.27 -20.78 38.47
N LEU A 133 11.56 -20.74 39.59
CA LEU A 133 10.98 -19.49 40.05
C LEU A 133 12.05 -18.51 40.51
N GLU A 134 13.05 -19.00 41.23
CA GLU A 134 14.18 -18.15 41.59
C GLU A 134 14.77 -17.47 40.35
N LEU A 135 15.00 -18.26 39.30
CA LEU A 135 15.70 -17.74 38.14
C LEU A 135 14.81 -16.77 37.37
N PHE A 136 13.49 -17.04 37.32
CA PHE A 136 12.57 -16.09 36.71
C PHE A 136 12.58 -14.77 37.46
N ASN A 137 12.69 -14.83 38.80
CA ASN A 137 12.78 -13.57 39.54
C ASN A 137 14.09 -12.85 39.26
N GLU A 138 15.18 -13.58 39.05
CA GLU A 138 16.42 -12.89 38.64
C GLU A 138 16.21 -12.18 37.31
N MET A 139 15.53 -12.85 36.38
CA MET A 139 15.18 -12.22 35.11
C MET A 139 14.34 -10.97 35.33
N ARG A 140 13.37 -11.05 36.25
CA ARG A 140 12.51 -9.89 36.49
C ARG A 140 13.29 -8.74 37.12
N LYS A 141 14.26 -9.05 37.97
CA LYS A 141 15.03 -7.97 38.60
C LYS A 141 16.10 -7.39 37.69
N GLY A 142 16.47 -8.07 36.62
CA GLY A 142 17.48 -7.60 35.70
C GLY A 142 18.91 -7.86 36.11
N THR A 143 19.15 -8.72 37.10
CA THR A 143 20.51 -9.08 37.51
C THR A 143 21.26 -9.80 36.40
N GLU A 144 22.59 -9.92 36.58
CA GLU A 144 23.42 -10.62 35.60
C GLU A 144 23.02 -12.09 35.50
N ILE A 145 22.66 -12.70 36.64
CA ILE A 145 22.05 -14.02 36.64
C ILE A 145 20.86 -14.03 35.69
N GLY A 146 19.91 -13.11 35.91
CA GLY A 146 18.71 -13.09 35.11
C GLY A 146 19.01 -12.87 33.64
N GLN A 147 19.99 -12.01 33.35
CA GLN A 147 20.34 -11.77 31.96
C GLN A 147 20.94 -13.00 31.31
N LYS A 148 21.43 -13.94 32.12
CA LYS A 148 21.92 -15.20 31.57
C LYS A 148 20.82 -16.20 31.27
N ASN A 149 19.57 -15.94 31.66
CA ASN A 149 18.52 -16.94 31.61
C ASN A 149 17.39 -16.51 30.70
N CYS A 150 16.72 -17.48 30.09
CA CYS A 150 15.40 -17.26 29.54
C CYS A 150 14.47 -18.34 30.08
N ILE A 151 13.18 -18.15 29.91
CA ILE A 151 12.18 -19.14 30.26
C ILE A 151 11.73 -19.84 28.99
N ARG A 152 11.77 -21.16 29.00
CA ARG A 152 11.31 -21.95 27.87
C ARG A 152 10.10 -22.78 28.28
N ALA A 153 9.31 -23.17 27.35
CA ALA A 153 8.22 -24.04 27.65
C ALA A 153 8.71 -25.44 27.61
N LYS A 154 8.10 -26.31 28.35
CA LYS A 154 8.49 -27.66 28.35
C LYS A 154 7.52 -28.42 27.57
N ILE A 155 7.81 -28.76 26.35
CA ILE A 155 6.89 -29.46 25.52
C ILE A 155 7.39 -30.80 25.12
N ASN A 156 8.08 -30.92 24.02
CA ASN A 156 8.55 -32.17 23.57
C ASN A 156 9.70 -32.00 22.67
N MET A 157 10.88 -32.18 23.20
CA MET A 157 12.07 -32.02 22.41
C MET A 157 12.24 -32.99 21.27
N GLN A 158 11.62 -34.12 21.31
CA GLN A 158 11.73 -35.04 20.24
C GLN A 158 10.68 -34.88 19.22
N SER A 159 9.85 -33.87 19.32
CA SER A 159 8.77 -33.71 18.35
C SER A 159 9.31 -33.42 16.96
N LYS A 160 8.66 -34.00 15.94
CA LYS A 160 9.04 -33.69 14.56
C LYS A 160 8.79 -32.23 14.20
N ASN A 161 8.10 -31.47 15.05
CA ASN A 161 7.81 -30.05 14.82
C ASN A 161 8.81 -29.25 15.66
N LYS A 162 9.73 -28.56 14.98
CA LYS A 162 10.76 -27.80 15.71
C LYS A 162 10.17 -26.75 16.65
N CYS A 163 8.97 -26.23 16.37
CA CYS A 163 8.35 -25.25 17.26
C CYS A 163 7.84 -25.86 18.54
N MET A 164 7.76 -27.17 18.60
CA MET A 164 7.39 -27.84 19.83
C MET A 164 8.61 -28.25 20.66
N ARG A 165 9.81 -27.92 20.21
CA ARG A 165 11.03 -28.29 20.93
C ARG A 165 11.40 -27.15 21.87
N ASP A 166 10.66 -27.05 22.97
CA ASP A 166 10.87 -26.08 24.04
C ASP A 166 11.10 -24.63 23.56
N PRO A 167 10.13 -24.01 22.90
CA PRO A 167 10.31 -22.62 22.46
C PRO A 167 10.47 -21.66 23.64
N VAL A 168 11.28 -20.62 23.41
CA VAL A 168 11.46 -19.56 24.40
C VAL A 168 10.16 -18.80 24.58
N MET A 169 9.84 -18.47 25.84
CA MET A 169 8.62 -17.80 26.27
C MET A 169 8.88 -16.41 26.81
N TYR A 170 10.05 -16.21 27.42
CA TYR A 170 10.34 -14.99 28.15
C TYR A 170 11.85 -14.77 28.05
N ARG A 171 12.23 -13.50 27.95
CA ARG A 171 13.63 -13.12 27.78
C ARG A 171 13.90 -11.95 28.69
N CYS A 172 15.14 -11.83 29.12
CA CYS A 172 15.60 -10.70 29.92
C CYS A 172 16.22 -9.68 28.98
N ILE A 173 15.55 -8.55 28.77
CA ILE A 173 16.04 -7.48 27.91
C ILE A 173 16.25 -6.26 28.79
N VAL A 174 17.50 -5.96 29.11
CA VAL A 174 17.85 -4.76 29.86
C VAL A 174 18.46 -3.69 28.95
N ASP A 175 18.86 -4.07 27.73
CA ASP A 175 19.69 -3.20 26.91
C ASP A 175 18.94 -1.94 26.48
N VAL A 176 17.65 -2.05 26.22
CA VAL A 176 16.96 -1.05 25.42
C VAL A 176 15.63 -0.68 26.06
N PRO A 177 15.15 0.53 25.80
CA PRO A 177 13.89 0.99 26.40
C PRO A 177 12.68 0.64 25.53
N HIS A 178 11.51 0.66 26.17
CA HIS A 178 10.27 0.25 25.51
C HIS A 178 9.43 1.44 25.03
N PHE A 183 11.97 1.52 30.45
CA PHE A 183 12.80 0.68 31.31
C PHE A 183 11.98 0.03 32.44
N LYS A 184 10.65 0.06 32.32
CA LYS A 184 9.78 -0.41 33.39
C LYS A 184 9.95 -1.91 33.63
N TYR A 185 9.81 -2.72 32.59
CA TYR A 185 10.02 -4.16 32.69
C TYR A 185 11.45 -4.50 32.26
N LYS A 186 12.03 -5.48 32.93
CA LYS A 186 13.34 -5.99 32.53
C LYS A 186 13.28 -7.37 31.89
N CYS A 187 12.13 -8.02 31.87
CA CYS A 187 11.94 -9.21 31.07
C CYS A 187 10.67 -9.04 30.24
N TYR A 188 10.66 -9.67 29.08
CA TYR A 188 9.63 -9.52 28.07
C TYR A 188 9.21 -10.87 27.50
N PRO A 189 7.92 -11.06 27.28
CA PRO A 189 7.47 -12.30 26.65
C PRO A 189 7.89 -12.32 25.20
N THR A 190 8.10 -13.52 24.66
CA THR A 190 8.30 -13.60 23.23
C THR A 190 6.97 -13.49 22.47
N TYR A 191 7.07 -13.24 21.16
CA TYR A 191 5.88 -13.20 20.31
CA TYR A 191 5.87 -13.18 20.34
C TYR A 191 5.10 -14.50 20.40
N ASP A 192 5.81 -15.64 20.31
CA ASP A 192 5.15 -16.95 20.29
C ASP A 192 4.35 -17.25 21.54
N PHE A 193 4.80 -16.77 22.69
CA PHE A 193 4.08 -16.94 23.94
C PHE A 193 3.00 -15.87 24.09
N ALA A 194 3.34 -14.61 23.80
CA ALA A 194 2.39 -13.53 23.99
C ALA A 194 1.15 -13.66 23.09
N CYS A 195 1.31 -14.09 21.82
CA CYS A 195 0.22 -13.99 20.86
C CYS A 195 -1.00 -14.86 21.23
N PRO A 196 -0.87 -16.17 21.45
CA PRO A 196 -2.07 -16.94 21.83
C PRO A 196 -2.70 -16.45 23.12
N ILE A 197 -1.89 -16.06 24.12
CA ILE A 197 -2.45 -15.64 25.39
C ILE A 197 -3.25 -14.35 25.22
N ILE A 198 -2.64 -13.34 24.60
CA ILE A 198 -3.32 -12.07 24.41
C ILE A 198 -4.57 -12.26 23.55
N ASP A 199 -4.48 -13.08 22.49
CA ASP A 199 -5.66 -13.33 21.68
C ASP A 199 -6.78 -13.92 22.52
N SER A 200 -6.46 -14.89 23.38
CA SER A 200 -7.49 -15.47 24.23
C SER A 200 -8.10 -14.42 25.14
N ILE A 201 -7.25 -13.66 25.84
CA ILE A 201 -7.84 -12.80 26.85
C ILE A 201 -8.49 -11.56 26.22
N GLU A 202 -8.12 -11.18 25.00
CA GLU A 202 -8.84 -10.10 24.35
C GLU A 202 -10.16 -10.55 23.71
N GLY A 203 -10.51 -11.84 23.75
CA GLY A 203 -11.76 -12.28 23.16
C GLY A 203 -11.72 -12.49 21.67
N VAL A 204 -10.52 -12.60 21.08
CA VAL A 204 -10.41 -13.00 19.68
C VAL A 204 -10.99 -14.39 19.51
N THR A 205 -11.73 -14.59 18.42
CA THR A 205 -12.21 -15.92 18.06
C THR A 205 -11.49 -16.49 16.86
N HIS A 206 -11.03 -15.64 15.96
CA HIS A 206 -10.36 -16.05 14.73
C HIS A 206 -9.15 -15.16 14.52
N ALA A 207 -7.99 -15.75 14.74
CA ALA A 207 -6.72 -15.05 14.66
C ALA A 207 -6.14 -15.34 13.29
N LEU A 208 -6.04 -14.30 12.46
CA LEU A 208 -5.52 -14.45 11.11
C LEU A 208 -4.00 -14.28 11.09
N ARG A 209 -3.36 -15.05 10.22
CA ARG A 209 -1.91 -15.19 10.23
C ARG A 209 -1.47 -15.60 8.84
N THR A 210 -0.25 -15.19 8.49
CA THR A 210 0.36 -15.49 7.20
C THR A 210 0.76 -16.96 7.09
N ASN A 211 0.86 -17.38 5.82
CA ASN A 211 1.29 -18.72 5.44
C ASN A 211 2.63 -19.10 6.03
N GLU A 212 3.53 -18.13 6.20
CA GLU A 212 4.91 -18.42 6.54
C GLU A 212 4.97 -19.00 7.94
N TYR A 213 5.69 -20.11 8.09
CA TYR A 213 5.74 -20.85 9.35
C TYR A 213 4.33 -21.23 9.79
N SER A 214 3.79 -22.29 9.17
CA SER A 214 2.55 -22.92 9.59
C SER A 214 2.76 -23.92 10.71
N ASP A 215 4.02 -24.23 11.03
CA ASP A 215 4.38 -25.11 12.13
C ASP A 215 3.96 -24.54 13.48
N ARG A 216 3.77 -23.22 13.59
CA ARG A 216 3.51 -22.58 14.87
C ARG A 216 2.07 -22.74 15.35
N ILE A 217 1.19 -23.33 14.54
CA ILE A 217 -0.19 -23.46 14.97
C ILE A 217 -0.29 -24.48 16.10
N GLU A 218 0.44 -25.59 15.97
CA GLU A 218 0.49 -26.60 17.04
C GLU A 218 1.04 -26.01 18.33
N GLN A 219 2.05 -25.15 18.24
CA GLN A 219 2.59 -24.48 19.40
C GLN A 219 1.56 -23.55 20.05
N TYR A 220 0.94 -22.70 19.24
CA TYR A 220 -0.07 -21.76 19.71
C TYR A 220 -1.20 -22.46 20.46
N ASN A 221 -1.76 -23.51 19.84
CA ASN A 221 -2.78 -24.32 20.51
C ASN A 221 -2.25 -24.93 21.80
N TRP A 222 -0.98 -25.37 21.80
CA TRP A 222 -0.45 -25.96 23.02
C TRP A 222 -0.43 -24.94 24.15
N PHE A 223 -0.06 -23.69 23.86
CA PHE A 223 -0.06 -22.67 24.90
C PHE A 223 -1.47 -22.43 25.41
N ILE A 224 -2.44 -22.32 24.50
CA ILE A 224 -3.83 -22.13 24.94
C ILE A 224 -4.26 -23.27 25.87
N SER A 225 -4.18 -24.51 25.38
CA SER A 225 -4.74 -25.61 26.16
C SER A 225 -3.97 -25.86 27.44
N THR A 226 -2.63 -25.75 27.42
CA THR A 226 -1.87 -25.97 28.65
C THR A 226 -2.27 -24.99 29.74
N LEU A 227 -2.65 -23.77 29.40
CA LEU A 227 -3.08 -22.81 30.40
C LEU A 227 -4.60 -22.83 30.62
N ASN A 228 -5.31 -23.77 29.98
CA ASN A 228 -6.76 -23.86 30.10
C ASN A 228 -7.48 -22.55 29.75
N LEU A 229 -7.07 -21.92 28.65
CA LEU A 229 -7.70 -20.67 28.25
C LEU A 229 -8.80 -20.95 27.21
N ARG A 230 -9.67 -19.98 27.01
CA ARG A 230 -10.68 -20.13 25.98
C ARG A 230 -10.02 -20.24 24.61
N LYS A 231 -10.48 -21.20 23.79
CA LYS A 231 -9.80 -21.51 22.53
C LYS A 231 -9.94 -20.38 21.51
N VAL A 232 -8.96 -20.29 20.62
CA VAL A 232 -8.88 -19.31 19.54
C VAL A 232 -8.58 -20.09 18.27
N TYR A 233 -9.36 -19.86 17.20
CA TYR A 233 -9.04 -20.48 15.93
C TYR A 233 -8.03 -19.64 15.15
N ILE A 234 -7.12 -20.31 14.45
CA ILE A 234 -6.20 -19.66 13.53
C ILE A 234 -6.68 -19.86 12.10
N TYR A 235 -6.74 -18.77 11.32
CA TYR A 235 -6.94 -18.84 9.88
C TYR A 235 -5.68 -18.33 9.19
N GLU A 236 -5.30 -18.96 8.10
CA GLU A 236 -4.06 -18.59 7.41
C GLU A 236 -4.35 -18.05 6.03
N PHE A 237 -3.55 -17.07 5.63
CA PHE A 237 -3.64 -16.45 4.31
C PHE A 237 -2.22 -16.26 3.82
N SER A 238 -2.07 -16.06 2.52
CA SER A 238 -0.74 -15.90 1.96
C SER A 238 -0.32 -14.43 1.94
N ARG A 239 0.97 -14.22 2.18
CA ARG A 239 1.57 -12.90 2.12
C ARG A 239 1.34 -12.27 0.74
N LEU A 240 1.14 -10.95 0.73
CA LEU A 240 1.06 -10.16 -0.50
C LEU A 240 2.39 -9.45 -0.76
N ALA A 241 3.11 -9.88 -1.80
CA ALA A 241 4.36 -9.25 -2.20
C ALA A 241 4.36 -9.04 -3.70
N PHE A 242 5.07 -7.98 -4.15
CA PHE A 242 5.07 -7.55 -5.54
C PHE A 242 6.48 -7.54 -6.14
N VAL A 243 6.56 -7.93 -7.42
CA VAL A 243 7.80 -7.82 -8.19
C VAL A 243 8.37 -6.40 -8.16
N LYS A 244 9.69 -6.30 -8.30
CA LYS A 244 10.41 -5.03 -8.44
C LYS A 244 10.03 -4.05 -7.34
N THR A 245 9.78 -4.57 -6.14
CA THR A 245 9.35 -3.74 -5.03
C THR A 245 10.11 -4.12 -3.77
N VAL A 246 10.66 -3.11 -3.12
CA VAL A 246 11.27 -3.30 -1.81
C VAL A 246 10.21 -2.99 -0.76
N MET A 247 10.16 -3.81 0.28
CA MET A 247 9.29 -3.55 1.42
C MET A 247 10.04 -3.59 2.75
N SER A 248 11.32 -3.97 2.75
CA SER A 248 12.14 -3.88 3.96
C SER A 248 12.10 -2.46 4.53
N LYS A 249 12.02 -2.36 5.85
CA LYS A 249 12.17 -1.06 6.49
C LYS A 249 13.56 -0.48 6.23
N ARG A 250 14.59 -1.32 6.28
CA ARG A 250 15.95 -0.82 6.12
C ARG A 250 16.19 -0.25 4.72
N LYS A 251 15.72 -0.95 3.69
CA LYS A 251 15.93 -0.48 2.32
C LYS A 251 15.17 0.82 2.05
N LEU A 252 13.90 0.86 2.43
CA LEU A 252 13.13 2.09 2.31
C LEU A 252 13.85 3.24 3.02
N LYS A 253 14.32 2.99 4.24
CA LYS A 253 15.11 3.98 4.96
C LYS A 253 16.26 4.48 4.09
N TRP A 254 16.99 3.56 3.46
CA TRP A 254 18.13 4.00 2.65
C TRP A 254 17.67 4.93 1.53
N PHE A 255 16.60 4.53 0.83
CA PHE A 255 16.08 5.37 -0.24
C PHE A 255 15.83 6.79 0.27
N VAL A 256 15.18 6.90 1.42
CA VAL A 256 14.82 8.23 1.94
C VAL A 256 16.07 9.02 2.33
N GLU A 257 16.99 8.38 3.06
CA GLU A 257 18.14 9.10 3.63
C GLU A 257 19.10 9.57 2.55
N ASN A 258 19.18 8.85 1.44
CA ASN A 258 20.09 9.20 0.36
C ASN A 258 19.46 10.09 -0.70
N ASN A 259 18.28 10.67 -0.40
CA ASN A 259 17.61 11.62 -1.30
C ASN A 259 17.30 10.98 -2.65
N VAL A 260 16.97 9.69 -2.65
CA VAL A 260 16.46 9.02 -3.84
C VAL A 260 14.97 9.31 -3.99
N VAL A 261 14.27 9.40 -2.88
CA VAL A 261 12.95 10.01 -2.81
C VAL A 261 13.04 11.09 -1.74
N ASP A 262 12.02 11.94 -1.71
CA ASP A 262 12.05 13.12 -0.83
C ASP A 262 11.11 12.96 0.36
N SER A 263 10.54 11.78 0.57
CA SER A 263 9.63 11.49 1.68
C SER A 263 9.21 10.02 1.58
N TRP A 264 8.66 9.53 2.70
CA TRP A 264 8.07 8.20 2.83
C TRP A 264 6.70 8.05 2.15
N VAL A 265 6.13 9.13 1.61
CA VAL A 265 4.88 9.07 0.85
C VAL A 265 5.15 9.12 -0.66
N ASP A 266 6.39 8.93 -1.08
CA ASP A 266 6.74 8.97 -2.49
C ASP A 266 5.89 7.96 -3.27
N PRO A 267 5.35 8.34 -4.42
CA PRO A 267 4.41 7.46 -5.15
C PRO A 267 5.03 6.19 -5.72
N ARG A 268 6.35 6.01 -5.59
CA ARG A 268 7.01 4.75 -5.90
C ARG A 268 7.08 3.82 -4.68
N PHE A 269 6.71 4.32 -3.52
CA PHE A 269 6.77 3.46 -2.34
C PHE A 269 5.51 2.61 -2.23
N PRO A 270 5.65 1.38 -1.73
CA PRO A 270 4.48 0.52 -1.53
C PRO A 270 3.75 0.77 -0.22
N THR A 271 4.05 1.86 0.47
CA THR A 271 3.25 2.26 1.61
C THR A 271 1.83 2.57 1.17
N ILE A 272 0.89 2.48 2.12
CA ILE A 272 -0.50 2.80 1.82
C ILE A 272 -0.60 4.22 1.32
N LYS A 273 0.01 5.16 2.05
CA LYS A 273 0.09 6.55 1.60
C LYS A 273 0.64 6.63 0.19
N GLY A 274 1.84 6.06 -0.01
CA GLY A 274 2.44 5.96 -1.33
C GLY A 274 1.49 5.61 -2.46
N ILE A 275 0.91 4.40 -2.46
CA ILE A 275 0.14 3.98 -3.62
C ILE A 275 -1.24 4.64 -3.72
N LEU A 276 -1.79 5.16 -2.62
CA LEU A 276 -2.98 6.01 -2.76
C LEU A 276 -2.62 7.31 -3.46
N ARG A 277 -1.43 7.86 -3.18
CA ARG A 277 -0.96 9.03 -3.89
C ARG A 277 -0.77 8.73 -5.36
N ARG A 278 -0.34 7.50 -5.68
CA ARG A 278 -0.12 7.02 -7.03
C ARG A 278 -1.40 6.83 -7.84
N GLY A 279 -2.59 6.94 -7.22
CA GLY A 279 -3.85 6.80 -7.93
C GLY A 279 -4.66 5.55 -7.63
N LEU A 280 -4.18 4.64 -6.75
CA LEU A 280 -4.92 3.41 -6.46
C LEU A 280 -6.17 3.69 -5.63
N THR A 281 -7.27 3.06 -5.99
CA THR A 281 -8.45 3.11 -5.14
C THR A 281 -8.47 1.92 -4.19
N LYS A 282 -9.01 2.14 -3.00
CA LYS A 282 -9.12 1.04 -2.04
C LYS A 282 -10.00 -0.07 -2.60
N GLU A 283 -11.05 0.27 -3.35
CA GLU A 283 -11.87 -0.77 -3.98
C GLU A 283 -11.02 -1.66 -4.89
N ALA A 284 -10.08 -1.07 -5.63
CA ALA A 284 -9.26 -1.86 -6.53
C ALA A 284 -8.40 -2.86 -5.76
N LEU A 285 -7.85 -2.42 -4.64
CA LEU A 285 -6.99 -3.28 -3.83
C LEU A 285 -7.79 -4.43 -3.23
N PHE A 286 -8.93 -4.12 -2.64
CA PHE A 286 -9.78 -5.14 -2.05
C PHE A 286 -10.21 -6.16 -3.10
N GLN A 287 -10.64 -5.68 -4.27
CA GLN A 287 -11.09 -6.60 -5.32
C GLN A 287 -9.94 -7.46 -5.83
N PHE A 288 -8.74 -6.87 -5.91
CA PHE A 288 -7.56 -7.64 -6.31
C PHE A 288 -7.27 -8.75 -5.31
N ILE A 289 -7.37 -8.44 -4.02
CA ILE A 289 -7.12 -9.44 -2.99
C ILE A 289 -8.15 -10.57 -3.08
N LEU A 290 -9.43 -10.22 -3.25
CA LEU A 290 -10.48 -11.23 -3.31
C LEU A 290 -10.33 -12.14 -4.52
N GLU A 291 -9.95 -11.58 -5.68
CA GLU A 291 -10.06 -12.38 -6.88
C GLU A 291 -8.72 -12.92 -7.34
N GLN A 292 -7.72 -12.90 -6.47
CA GLN A 292 -6.46 -13.55 -6.75
C GLN A 292 -6.36 -14.85 -5.95
N ASN A 299 5.82 -15.95 -2.94
CA ASN A 299 5.54 -15.63 -4.33
C ASN A 299 5.34 -14.12 -4.50
N LEU A 300 5.74 -13.59 -5.66
CA LEU A 300 5.73 -12.15 -5.94
C LEU A 300 4.69 -11.87 -7.03
N MET A 301 3.73 -10.98 -6.74
CA MET A 301 2.66 -10.65 -7.68
C MET A 301 3.10 -9.62 -8.72
N GLN A 302 2.35 -9.60 -9.82
CA GLN A 302 2.50 -8.58 -10.86
C GLN A 302 1.54 -7.43 -10.61
N TRP A 303 2.05 -6.19 -10.73
CA TRP A 303 1.24 -4.99 -10.51
C TRP A 303 0.14 -4.79 -11.55
N ASP A 304 0.22 -5.50 -12.67
CA ASP A 304 -0.55 -5.09 -13.84
C ASP A 304 -2.01 -5.45 -13.71
N LYS A 305 -2.34 -6.58 -13.05
CA LYS A 305 -3.76 -6.84 -12.84
C LYS A 305 -4.35 -5.91 -11.78
N LEU A 306 -3.55 -5.54 -10.77
CA LEU A 306 -4.04 -4.56 -9.81
C LEU A 306 -4.38 -3.23 -10.49
N TRP A 307 -3.47 -2.72 -11.35
CA TRP A 307 -3.75 -1.45 -12.03
C TRP A 307 -4.83 -1.60 -13.11
N SER A 308 -5.00 -2.79 -13.70
CA SER A 308 -6.13 -2.95 -14.63
C SER A 308 -7.45 -2.93 -13.90
N ILE A 309 -7.53 -3.57 -12.73
CA ILE A 309 -8.75 -3.50 -11.94
C ILE A 309 -9.01 -2.06 -11.55
N ASN A 310 -7.96 -1.33 -11.20
CA ASN A 310 -8.14 0.08 -10.90
C ASN A 310 -8.71 0.84 -12.10
N LYS A 311 -8.18 0.57 -13.29
CA LYS A 311 -8.68 1.25 -14.47
C LYS A 311 -10.15 0.96 -14.69
N GLN A 312 -10.53 -0.32 -14.61
CA GLN A 312 -11.93 -0.66 -14.82
C GLN A 312 -12.82 -0.02 -13.77
N ILE A 313 -12.32 0.18 -12.55
CA ILE A 313 -13.15 0.79 -11.53
C ILE A 313 -13.28 2.30 -11.75
N ILE A 314 -12.21 2.96 -12.16
CA ILE A 314 -12.24 4.42 -12.17
C ILE A 314 -12.73 5.00 -13.50
N ASP A 315 -12.52 4.29 -14.61
CA ASP A 315 -12.87 4.85 -15.91
C ASP A 315 -14.32 5.30 -16.05
N PRO A 316 -15.34 4.59 -15.54
CA PRO A 316 -16.72 5.04 -15.73
C PRO A 316 -17.13 6.22 -14.86
N ILE A 317 -16.30 6.67 -13.91
CA ILE A 317 -16.76 7.66 -12.94
C ILE A 317 -15.82 8.85 -12.80
N ILE A 318 -14.97 9.10 -13.78
CA ILE A 318 -14.06 10.24 -13.70
C ILE A 318 -14.23 11.11 -14.94
N PRO A 319 -14.09 12.43 -14.81
CA PRO A 319 -14.17 13.32 -15.97
C PRO A 319 -13.02 13.10 -16.94
N ARG A 320 -13.20 13.66 -18.13
CA ARG A 320 -12.24 13.62 -19.21
C ARG A 320 -11.89 15.04 -19.61
N TYR A 321 -10.59 15.33 -19.64
CA TYR A 321 -10.06 16.63 -20.04
C TYR A 321 -9.02 16.40 -21.13
N ALA A 322 -8.52 17.50 -21.67
CA ALA A 322 -7.53 17.45 -22.72
C ALA A 322 -6.28 18.19 -22.29
N ALA A 323 -5.14 17.72 -22.78
CA ALA A 323 -3.87 18.34 -22.51
C ALA A 323 -2.95 18.10 -23.69
N VAL A 324 -2.11 19.10 -23.98
CA VAL A 324 -1.11 18.97 -25.03
C VAL A 324 0.25 19.34 -24.46
N ASP A 325 1.28 18.78 -25.08
CA ASP A 325 2.65 19.07 -24.68
C ASP A 325 2.93 20.56 -24.80
N LYS A 326 3.36 21.19 -23.70
CA LYS A 326 3.52 22.64 -23.69
C LYS A 326 4.50 23.13 -24.74
N ASN A 327 5.42 22.29 -25.21
CA ASN A 327 6.40 22.79 -26.15
C ASN A 327 6.56 22.00 -27.43
N SER A 328 6.14 20.73 -27.49
CA SER A 328 6.08 20.08 -28.80
C SER A 328 4.84 20.51 -29.60
N SER A 329 3.85 21.12 -28.97
CA SER A 329 2.56 21.28 -29.63
C SER A 329 2.63 22.35 -30.73
N ILE A 330 1.83 22.14 -31.76
CA ILE A 330 1.88 22.93 -32.97
C ILE A 330 0.58 23.72 -33.14
N LEU A 331 0.73 24.90 -33.72
CA LEU A 331 -0.38 25.81 -33.95
C LEU A 331 -1.16 25.42 -35.20
N LEU A 332 -2.46 25.18 -35.03
CA LEU A 332 -3.37 24.99 -36.14
C LEU A 332 -4.33 26.17 -36.23
N ILE A 333 -4.59 26.64 -37.44
CA ILE A 333 -5.44 27.80 -37.68
C ILE A 333 -6.55 27.38 -38.65
N LEU A 334 -7.78 27.45 -38.18
CA LEU A 334 -8.94 27.36 -39.06
C LEU A 334 -9.15 28.74 -39.68
N THR A 335 -8.71 28.89 -40.93
CA THR A 335 -8.62 30.22 -41.51
C THR A 335 -9.96 30.85 -41.81
N ASP A 336 -11.04 30.08 -41.86
CA ASP A 336 -12.36 30.65 -42.12
C ASP A 336 -13.04 31.23 -40.89
N LEU A 337 -12.51 31.00 -39.69
CA LEU A 337 -13.14 31.52 -38.48
C LEU A 337 -12.50 32.83 -38.04
N THR A 338 -13.18 33.54 -37.15
CA THR A 338 -12.62 34.74 -36.55
C THR A 338 -11.95 34.40 -35.23
N ASP A 339 -11.37 35.42 -34.60
CA ASP A 339 -10.76 35.27 -33.29
C ASP A 339 -11.77 35.33 -32.15
N GLN A 340 -13.06 35.48 -32.43
CA GLN A 340 -14.04 35.51 -31.35
C GLN A 340 -14.11 34.16 -30.66
N VAL A 341 -14.06 34.16 -29.33
CA VAL A 341 -14.06 32.95 -28.54
C VAL A 341 -15.50 32.52 -28.32
N ILE A 342 -15.87 31.38 -28.85
CA ILE A 342 -17.17 30.78 -28.63
C ILE A 342 -17.06 29.78 -27.50
N GLN A 343 -18.08 29.74 -26.64
CA GLN A 343 -18.15 28.87 -25.48
C GLN A 343 -19.33 27.93 -25.64
N LYS A 344 -19.10 26.63 -25.42
CA LYS A 344 -20.16 25.62 -25.47
C LYS A 344 -20.09 24.73 -24.23
N GLU A 345 -21.26 24.36 -23.72
CA GLU A 345 -21.35 23.39 -22.63
C GLU A 345 -21.18 21.98 -23.19
N ARG A 346 -20.46 21.14 -22.45
CA ARG A 346 -20.21 19.77 -22.89
C ARG A 346 -20.22 18.85 -21.67
N ASP A 347 -20.34 17.55 -21.91
CA ASP A 347 -20.32 16.60 -20.81
C ASP A 347 -18.90 16.23 -20.40
N LEU A 348 -18.67 16.16 -19.08
CA LEU A 348 -17.39 15.68 -18.57
C LEU A 348 -17.14 14.22 -18.94
N HIS A 349 -18.19 13.42 -18.99
CA HIS A 349 -18.09 12.02 -19.39
C HIS A 349 -19.15 11.77 -20.44
N MET A 350 -18.74 11.27 -21.61
CA MET A 350 -19.71 11.07 -22.68
C MET A 350 -20.72 9.99 -22.33
N LYS A 351 -20.34 9.01 -21.52
CA LYS A 351 -21.24 7.91 -21.17
C LYS A 351 -21.73 7.99 -19.72
N ASN A 352 -21.65 9.17 -19.08
CA ASN A 352 -22.00 9.29 -17.66
C ASN A 352 -22.39 10.74 -17.39
N LYS A 353 -23.66 11.06 -17.66
CA LYS A 353 -24.19 12.41 -17.52
C LYS A 353 -24.20 12.91 -16.08
N SER A 354 -24.06 12.02 -15.09
CA SER A 354 -24.11 12.46 -13.69
C SER A 354 -22.88 13.28 -13.31
N LEU A 355 -21.72 13.04 -13.94
CA LEU A 355 -20.54 13.83 -13.61
C LEU A 355 -20.68 15.29 -14.04
N GLY A 356 -21.64 15.58 -14.89
CA GLY A 356 -22.00 16.95 -15.19
C GLY A 356 -21.31 17.48 -16.42
N THR A 357 -21.33 18.81 -16.54
CA THR A 357 -20.85 19.54 -17.70
C THR A 357 -19.69 20.44 -17.33
N CYS A 358 -18.93 20.82 -18.35
CA CYS A 358 -17.95 21.87 -18.27
C CYS A 358 -18.10 22.75 -19.50
N ASN A 359 -17.25 23.77 -19.59
CA ASN A 359 -17.22 24.72 -20.69
C ASN A 359 -16.06 24.42 -21.62
N MET A 360 -16.36 24.30 -22.90
CA MET A 360 -15.37 24.23 -23.96
C MET A 360 -15.29 25.59 -24.64
N TYR A 361 -14.09 26.01 -25.03
CA TYR A 361 -13.87 27.28 -25.69
C TYR A 361 -13.16 27.12 -27.01
N TYR A 362 -13.64 27.77 -28.04
CA TYR A 362 -12.97 27.71 -29.29
C TYR A 362 -12.91 29.00 -30.06
N ASN A 363 -12.02 29.03 -31.00
CA ASN A 363 -11.60 30.15 -31.74
C ASN A 363 -11.13 29.71 -33.07
N ASN A 364 -10.31 30.49 -33.69
CA ASN A 364 -9.71 30.12 -34.92
C ASN A 364 -8.32 29.53 -34.73
N LYS A 365 -7.82 29.54 -33.53
CA LYS A 365 -6.46 29.09 -33.22
C LYS A 365 -6.45 27.96 -32.21
N TYR A 366 -5.69 26.92 -32.51
CA TYR A 366 -5.68 25.69 -31.74
C TYR A 366 -4.26 25.22 -31.55
N LEU A 367 -4.07 24.37 -30.55
CA LEU A 367 -2.82 23.63 -30.33
C LEU A 367 -3.13 22.15 -30.48
N ILE A 368 -2.31 21.45 -31.26
CA ILE A 368 -2.43 20.01 -31.38
C ILE A 368 -1.07 19.38 -31.11
N GLU A 369 -1.07 18.06 -30.90
CA GLU A 369 0.20 17.38 -30.62
C GLU A 369 1.05 17.29 -31.87
N LEU A 370 2.36 17.40 -31.69
CA LEU A 370 3.26 17.26 -32.83
C LEU A 370 3.24 15.85 -33.40
N GLU A 371 3.08 14.82 -32.57
CA GLU A 371 2.94 13.48 -33.12
C GLU A 371 1.70 13.38 -34.03
N ASP A 372 0.64 14.11 -33.69
CA ASP A 372 -0.52 14.19 -34.57
C ASP A 372 -0.24 15.04 -35.81
N ALA A 373 0.37 16.21 -35.62
CA ALA A 373 0.58 17.13 -36.73
C ALA A 373 1.52 16.55 -37.78
N GLN A 374 2.49 15.72 -37.38
CA GLN A 374 3.37 15.10 -38.36
C GLN A 374 2.66 14.08 -39.22
N THR A 375 1.50 13.59 -38.77
CA THR A 375 0.78 12.54 -39.46
C THR A 375 -0.17 13.04 -40.55
N LEU A 376 -0.46 14.34 -40.60
CA LEU A 376 -1.40 14.88 -41.56
C LEU A 376 -0.72 15.23 -42.88
N LEU A 377 -1.54 15.45 -43.90
CA LEU A 377 -1.09 15.88 -45.22
C LEU A 377 -2.23 16.66 -45.86
N GLU A 378 -1.90 17.38 -46.93
CA GLU A 378 -2.80 18.39 -47.48
C GLU A 378 -4.13 17.78 -47.90
N ASN A 379 -5.21 18.45 -47.51
CA ASN A 379 -6.62 18.13 -47.77
C ASN A 379 -7.11 16.82 -47.16
N GLU A 380 -6.34 16.21 -46.26
CA GLU A 380 -6.93 15.17 -45.42
C GLU A 380 -8.04 15.75 -44.55
N GLU A 381 -9.09 15.00 -44.33
CA GLU A 381 -10.13 15.40 -43.38
C GLU A 381 -9.94 14.65 -42.07
N ILE A 382 -9.95 15.38 -40.95
CA ILE A 382 -9.84 14.78 -39.63
C ILE A 382 -10.93 15.38 -38.72
N THR A 383 -10.98 14.90 -37.49
CA THR A 383 -11.92 15.39 -36.50
C THR A 383 -11.18 15.93 -35.29
N LEU A 384 -11.64 17.07 -34.76
CA LEU A 384 -11.24 17.55 -33.44
C LEU A 384 -12.32 17.13 -32.46
N ILE A 385 -11.94 16.30 -31.48
CA ILE A 385 -12.90 15.66 -30.59
C ILE A 385 -13.74 16.71 -29.88
N LYS A 386 -15.03 16.39 -29.70
CA LYS A 386 -15.99 17.24 -29.02
C LYS A 386 -16.24 18.55 -29.78
N LEU A 387 -15.65 18.72 -30.97
CA LEU A 387 -15.85 19.94 -31.75
C LEU A 387 -16.39 19.66 -33.15
N GLY A 388 -15.63 18.98 -34.00
CA GLY A 388 -16.14 18.68 -35.34
C GLY A 388 -15.00 18.45 -36.31
N ASN A 389 -15.39 18.27 -37.57
CA ASN A 389 -14.43 17.95 -38.61
C ASN A 389 -13.72 19.19 -39.13
N ILE A 390 -12.52 18.99 -39.67
CA ILE A 390 -11.75 20.05 -40.32
C ILE A 390 -10.98 19.42 -41.49
N ILE A 391 -10.78 20.23 -42.53
CA ILE A 391 -10.04 19.83 -43.72
C ILE A 391 -8.68 20.51 -43.65
N ILE A 392 -7.61 19.73 -43.50
CA ILE A 392 -6.27 20.29 -43.44
C ILE A 392 -5.89 20.81 -44.81
N LYS A 393 -5.35 22.03 -44.87
CA LYS A 393 -5.02 22.62 -46.16
C LYS A 393 -3.53 22.79 -46.39
N ASN A 394 -2.77 23.30 -45.42
CA ASN A 394 -1.35 23.54 -45.64
C ASN A 394 -0.53 23.19 -44.40
N ILE A 395 0.68 22.69 -44.63
CA ILE A 395 1.62 22.36 -43.57
C ILE A 395 2.86 23.21 -43.79
N GLU A 396 2.99 24.26 -42.99
CA GLU A 396 4.13 25.17 -42.99
C GLU A 396 5.29 24.50 -42.25
N LYS A 397 6.31 24.08 -43.02
CA LYS A 397 7.51 23.48 -42.47
C LYS A 397 8.67 24.47 -42.65
N GLU A 398 8.97 25.21 -41.58
CA GLU A 398 10.14 26.08 -41.56
C GLU A 398 11.32 25.33 -40.94
N ASN A 399 12.42 25.27 -41.67
CA ASN A 399 13.68 24.72 -41.17
C ASN A 399 13.56 23.23 -40.83
N GLY A 400 12.85 22.49 -41.69
CA GLY A 400 12.71 21.03 -41.57
C GLY A 400 11.56 20.54 -40.73
N LYS A 401 11.31 21.18 -39.60
CA LYS A 401 10.25 20.79 -38.69
C LYS A 401 8.93 21.49 -39.06
N ILE A 402 7.83 20.90 -38.60
CA ILE A 402 6.52 21.49 -38.85
C ILE A 402 6.38 22.74 -38.00
N LYS A 403 6.08 23.87 -38.64
CA LYS A 403 5.94 25.15 -37.96
C LYS A 403 4.50 25.57 -37.74
N GLN A 404 3.59 25.18 -38.65
CA GLN A 404 2.20 25.62 -38.51
C GLN A 404 1.31 24.82 -39.44
N ILE A 405 0.05 24.66 -39.06
CA ILE A 405 -0.91 23.96 -39.91
C ILE A 405 -2.12 24.86 -40.14
N ASN A 406 -2.51 25.03 -41.40
CA ASN A 406 -3.70 25.79 -41.78
C ASN A 406 -4.76 24.83 -42.28
N ALA A 407 -5.99 25.00 -41.77
CA ALA A 407 -7.09 24.15 -42.16
C ALA A 407 -8.35 24.99 -42.27
N LEU A 408 -9.41 24.36 -42.77
CA LEU A 408 -10.71 25.00 -42.87
C LEU A 408 -11.70 24.27 -41.97
N SER A 409 -12.56 25.04 -41.30
CA SER A 409 -13.61 24.44 -40.51
C SER A 409 -14.55 23.61 -41.39
N ASN A 410 -15.00 22.48 -40.86
CA ASN A 410 -16.05 21.69 -41.48
C ASN A 410 -16.90 21.03 -40.40
N PHE A 411 -17.37 21.86 -39.46
CA PHE A 411 -17.87 21.32 -38.19
C PHE A 411 -19.15 20.53 -38.34
N HIS A 412 -19.85 20.67 -39.46
CA HIS A 412 -21.08 19.94 -39.68
C HIS A 412 -20.90 18.73 -40.57
N GLY A 413 -19.67 18.47 -41.03
CA GLY A 413 -19.37 17.22 -41.69
C GLY A 413 -19.41 16.04 -40.73
N ASP A 414 -19.58 14.84 -41.30
CA ASP A 414 -19.80 13.62 -40.52
C ASP A 414 -18.49 13.11 -39.95
N PHE A 415 -18.33 13.21 -38.64
CA PHE A 415 -17.16 12.65 -37.96
C PHE A 415 -17.10 11.13 -38.12
N LYS A 416 -18.25 10.49 -38.35
CA LYS A 416 -18.28 9.04 -38.53
C LYS A 416 -17.44 8.61 -39.74
N THR A 417 -17.44 9.41 -40.80
CA THR A 417 -16.62 9.16 -41.99
C THR A 417 -15.13 9.44 -41.78
N THR A 418 -14.64 9.63 -40.54
CA THR A 418 -13.24 9.95 -40.30
C THR A 418 -12.59 8.88 -39.42
N LYS A 419 -11.48 8.34 -39.91
CA LYS A 419 -10.70 7.38 -39.13
C LYS A 419 -9.75 8.05 -38.14
N LYS A 420 -9.54 9.37 -38.25
CA LYS A 420 -8.52 10.09 -37.49
C LYS A 420 -9.13 11.21 -36.66
N LYS A 421 -9.40 10.94 -35.39
CA LYS A 421 -9.99 11.90 -34.46
C LYS A 421 -8.96 12.24 -33.37
N ILE A 422 -8.62 13.53 -33.26
CA ILE A 422 -7.56 13.97 -32.36
C ILE A 422 -8.07 14.96 -31.32
N HIS A 423 -7.34 15.05 -30.21
CA HIS A 423 -7.60 16.03 -29.16
C HIS A 423 -6.83 17.32 -29.43
N TRP A 424 -7.14 18.36 -28.67
CA TRP A 424 -6.72 19.72 -29.04
C TRP A 424 -7.00 20.65 -27.87
N LEU A 425 -6.32 21.79 -27.90
CA LEU A 425 -6.57 22.85 -26.95
C LEU A 425 -6.81 24.14 -27.72
N PRO A 426 -7.68 25.02 -27.22
CA PRO A 426 -7.78 26.35 -27.83
C PRO A 426 -6.55 27.14 -27.48
N TYR A 427 -6.05 27.92 -28.43
CA TYR A 427 -4.84 28.70 -28.15
C TYR A 427 -5.23 29.97 -27.39
N LEU A 428 -5.54 29.79 -26.10
CA LEU A 428 -5.89 30.89 -25.21
C LEU A 428 -4.94 30.86 -24.00
N PRO A 429 -3.70 31.29 -24.19
CA PRO A 429 -2.68 31.08 -23.14
C PRO A 429 -3.01 31.74 -21.81
N GLN A 430 -3.73 32.86 -21.80
CA GLN A 430 -4.09 33.40 -20.50
C GLN A 430 -5.19 32.59 -19.83
N GLN A 431 -5.75 31.61 -20.53
CA GLN A 431 -6.71 30.72 -19.93
C GLN A 431 -6.24 29.29 -19.79
N LEU A 432 -5.23 28.85 -20.57
CA LEU A 432 -4.75 27.48 -20.47
C LEU A 432 -4.01 27.28 -19.15
N ILE A 433 -4.21 26.12 -18.53
CA ILE A 433 -3.61 25.84 -17.23
C ILE A 433 -2.34 25.03 -17.44
N THR A 434 -1.24 25.48 -16.86
CA THR A 434 0.03 24.78 -16.99
C THR A 434 0.17 23.70 -15.95
N CYS A 435 0.60 22.51 -16.37
CA CYS A 435 0.67 21.33 -15.51
C CYS A 435 1.98 20.60 -15.74
N THR A 436 2.42 19.86 -14.72
CA THR A 436 3.52 18.91 -14.85
C THR A 436 3.00 17.49 -14.60
N LEU A 437 3.25 16.62 -15.57
CA LEU A 437 2.93 15.20 -15.53
C LEU A 437 4.12 14.45 -14.95
N TYR A 438 3.90 13.71 -13.86
CA TYR A 438 4.92 12.85 -13.25
C TYR A 438 4.57 11.39 -13.56
N GLU A 439 5.40 10.75 -14.36
CA GLU A 439 5.30 9.33 -14.66
C GLU A 439 6.39 8.61 -13.88
N TYR A 440 6.01 7.63 -13.08
CA TYR A 440 6.99 6.96 -12.24
C TYR A 440 7.28 5.56 -12.76
N ASP A 441 8.41 5.00 -12.33
CA ASP A 441 8.69 3.61 -12.60
C ASP A 441 9.12 2.94 -11.30
N HIS A 442 9.37 1.63 -11.38
CA HIS A 442 9.84 0.88 -10.22
C HIS A 442 11.18 1.43 -9.72
N LEU A 443 11.34 1.44 -8.40
CA LEU A 443 12.60 1.91 -7.82
C LEU A 443 13.73 0.94 -8.09
N ILE A 444 13.43 -0.35 -8.22
CA ILE A 444 14.47 -1.34 -8.54
C ILE A 444 14.12 -2.00 -9.87
N THR A 445 15.09 -2.77 -10.37
CA THR A 445 15.06 -3.30 -11.73
C THR A 445 14.97 -4.82 -11.79
N VAL A 446 15.30 -5.52 -10.71
CA VAL A 446 15.10 -6.97 -10.69
C VAL A 446 13.85 -7.25 -9.88
N ASP A 447 13.48 -8.53 -9.78
CA ASP A 447 12.24 -8.88 -9.09
C ASP A 447 12.44 -8.92 -7.58
N LYS A 448 13.55 -9.47 -7.11
CA LYS A 448 13.82 -9.55 -5.68
C LYS A 448 15.31 -9.76 -5.37
N ASP A 455 23.86 -5.61 0.62
CA ASP A 455 24.72 -6.56 -0.07
C ASP A 455 24.67 -6.31 -1.59
N ASP A 456 25.28 -5.19 -2.02
CA ASP A 456 25.33 -4.72 -3.40
C ASP A 456 23.95 -4.45 -4.01
N TRP A 457 22.87 -4.52 -3.22
CA TRP A 457 21.55 -4.33 -3.80
C TRP A 457 21.38 -2.95 -4.41
N THR A 458 22.08 -1.93 -3.87
CA THR A 458 21.99 -0.60 -4.47
C THR A 458 22.48 -0.56 -5.92
N ASN A 459 23.09 -1.65 -6.42
CA ASN A 459 23.49 -1.72 -7.82
C ASN A 459 22.31 -1.82 -8.76
N PHE A 460 21.09 -2.04 -8.24
CA PHE A 460 19.93 -2.34 -9.07
C PHE A 460 18.81 -1.31 -8.88
N ILE A 461 19.16 -0.08 -8.51
CA ILE A 461 18.20 1.00 -8.33
C ILE A 461 18.07 1.77 -9.64
N ASN A 462 16.83 2.11 -10.02
CA ASN A 462 16.61 3.08 -11.10
C ASN A 462 16.60 4.46 -10.44
N PHE A 463 17.74 5.14 -10.47
CA PHE A 463 17.91 6.45 -9.87
C PHE A 463 17.22 7.53 -10.71
N ASN A 464 16.34 7.11 -11.59
CA ASN A 464 15.80 8.03 -12.58
C ASN A 464 14.42 7.53 -12.98
N SER A 465 13.53 7.43 -12.00
CA SER A 465 12.26 6.75 -12.17
C SER A 465 11.12 7.71 -11.93
N LYS A 466 11.36 8.99 -12.19
CA LYS A 466 10.44 10.11 -12.03
C LYS A 466 10.61 10.97 -13.27
N HIS A 467 9.81 10.70 -14.30
CA HIS A 467 9.86 11.43 -15.56
C HIS A 467 8.81 12.53 -15.56
N GLU A 468 9.21 13.75 -15.84
CA GLU A 468 8.34 14.91 -15.81
C GLU A 468 8.12 15.42 -17.23
N THR A 469 6.89 15.88 -17.48
CA THR A 469 6.47 16.42 -18.77
C THR A 469 5.63 17.65 -18.51
N LEU A 470 5.95 18.76 -19.18
CA LEU A 470 5.18 19.98 -19.02
C LEU A 470 4.11 20.07 -20.10
N VAL A 471 2.87 20.34 -19.68
CA VAL A 471 1.76 20.36 -20.62
C VAL A 471 0.88 21.56 -20.30
N TYR A 472 0.11 21.96 -21.31
CA TYR A 472 -1.08 22.79 -21.13
C TYR A 472 -2.30 21.88 -21.00
N ALA A 473 -3.26 22.28 -20.17
CA ALA A 473 -4.55 21.61 -20.04
C ALA A 473 -5.68 22.61 -20.13
N GLU A 474 -6.87 22.13 -20.56
CA GLU A 474 -8.11 22.89 -20.73
C GLU A 474 -8.39 23.78 -19.53
N PRO A 475 -8.92 24.99 -19.75
CA PRO A 475 -9.27 25.86 -18.61
C PRO A 475 -10.18 25.21 -17.57
N SER A 476 -11.19 24.46 -18.01
CA SER A 476 -12.14 23.89 -17.06
C SER A 476 -11.49 22.99 -16.02
N ILE A 477 -10.28 22.48 -16.27
CA ILE A 477 -9.62 21.65 -15.27
C ILE A 477 -9.36 22.41 -13.96
N SER A 478 -9.53 23.74 -13.97
CA SER A 478 -9.56 24.54 -12.75
C SER A 478 -10.53 24.02 -11.71
N SER A 479 -11.55 23.27 -12.13
CA SER A 479 -12.58 22.82 -11.19
C SER A 479 -12.10 21.69 -10.26
N LEU A 480 -10.95 21.08 -10.53
CA LEU A 480 -10.54 19.92 -9.77
C LEU A 480 -9.98 20.31 -8.42
N LYS A 481 -10.18 19.42 -7.44
CA LYS A 481 -9.59 19.53 -6.11
C LYS A 481 -8.47 18.50 -5.96
N VAL A 482 -7.59 18.72 -5.01
CA VAL A 482 -6.51 17.82 -4.76
C VAL A 482 -7.00 16.48 -4.45
N SER A 483 -6.45 15.51 -5.16
CA SER A 483 -6.69 14.09 -5.20
C SER A 483 -7.76 13.63 -6.10
N ASP A 484 -8.34 14.50 -6.90
CA ASP A 484 -9.30 14.07 -7.86
C ASP A 484 -8.59 13.30 -8.96
N LYS A 485 -9.23 12.29 -9.51
CA LYS A 485 -8.76 11.48 -10.61
C LYS A 485 -9.50 11.87 -11.87
N PHE A 486 -8.83 11.69 -13.01
CA PHE A 486 -9.42 12.05 -14.29
C PHE A 486 -8.62 11.38 -15.39
N GLN A 487 -9.11 11.55 -16.61
CA GLN A 487 -8.44 11.07 -17.80
C GLN A 487 -8.08 12.25 -18.69
N PHE A 488 -6.87 12.23 -19.23
CA PHE A 488 -6.44 13.10 -20.32
C PHE A 488 -6.62 12.32 -21.61
N GLU A 489 -7.47 12.87 -22.49
CA GLU A 489 -7.84 12.27 -23.77
C GLU A 489 -6.61 11.72 -24.47
N ARG A 490 -6.68 10.45 -24.87
CA ARG A 490 -5.61 9.80 -25.62
C ARG A 490 -4.24 9.90 -24.92
N ARG A 491 -4.23 10.24 -23.64
CA ARG A 491 -2.99 10.32 -22.86
C ARG A 491 -2.94 9.33 -21.72
N GLY A 492 -4.04 9.12 -21.01
CA GLY A 492 -4.04 8.17 -19.91
C GLY A 492 -4.79 8.73 -18.73
N TYR A 493 -4.51 8.17 -17.57
CA TYR A 493 -5.22 8.47 -16.33
C TYR A 493 -4.29 9.14 -15.35
N PHE A 494 -4.85 10.04 -14.54
CA PHE A 494 -4.03 10.92 -13.73
C PHE A 494 -4.76 11.24 -12.45
N ILE A 495 -3.99 11.62 -11.43
CA ILE A 495 -4.54 12.13 -10.18
C ILE A 495 -3.91 13.48 -9.87
N LEU A 496 -4.73 14.42 -9.39
CA LEU A 496 -4.24 15.75 -9.04
C LEU A 496 -3.54 15.68 -7.69
N ASP A 497 -2.20 15.73 -7.74
CA ASP A 497 -1.43 15.60 -6.50
C ASP A 497 -1.27 16.93 -5.80
N LYS A 498 -0.96 18.00 -6.53
CA LYS A 498 -0.65 19.26 -5.86
C LYS A 498 -1.06 20.44 -6.72
N ILE A 499 -1.28 21.57 -6.05
CA ILE A 499 -1.59 22.84 -6.71
C ILE A 499 -0.56 23.88 -6.26
N ASP A 500 0.20 24.42 -7.22
CA ASP A 500 1.30 25.36 -6.97
C ASP A 500 0.81 26.79 -6.82
N PRO A 501 1.72 27.72 -6.47
CA PRO A 501 1.46 29.15 -6.71
C PRO A 501 1.49 29.50 -8.19
N HIS A 502 0.63 30.44 -8.57
CA HIS A 502 0.28 30.73 -9.96
C HIS A 502 -0.49 29.57 -10.59
N HIS A 503 -1.27 28.86 -9.77
CA HIS A 503 -2.30 27.90 -10.22
C HIS A 503 -1.73 26.78 -11.10
N HIS A 504 -0.50 26.38 -10.78
CA HIS A 504 0.26 25.40 -11.54
C HIS A 504 0.06 24.02 -10.92
N LEU A 505 -0.37 23.04 -11.72
CA LEU A 505 -0.77 21.77 -11.16
C LEU A 505 0.27 20.69 -11.34
N HIS A 506 0.31 19.78 -10.37
CA HIS A 506 1.15 18.59 -10.38
C HIS A 506 0.25 17.38 -10.39
N LEU A 507 0.35 16.60 -11.46
CA LEU A 507 -0.52 15.49 -11.77
C LEU A 507 0.32 14.24 -11.92
N ILE A 508 -0.11 13.16 -11.26
CA ILE A 508 0.64 11.90 -11.28
C ILE A 508 -0.08 10.95 -12.22
N LYS A 509 0.67 10.37 -13.15
CA LYS A 509 0.08 9.38 -14.03
C LYS A 509 -0.25 8.10 -13.25
N ILE A 510 -1.48 7.63 -13.38
CA ILE A 510 -1.91 6.37 -12.79
C ILE A 510 -1.62 5.27 -13.80
N PRO A 511 -0.90 4.20 -13.42
CA PRO A 511 -0.73 3.08 -14.36
C PRO A 511 -2.09 2.45 -14.67
N ASP A 512 -2.23 1.91 -15.88
CA ASP A 512 -3.50 1.34 -16.31
C ASP A 512 -3.42 -0.13 -16.71
N GLY A 513 -2.28 -0.79 -16.48
CA GLY A 513 -2.10 -2.17 -16.90
C GLY A 513 -2.14 -2.30 -18.42
#